data_3LE9
#
_entry.id   3LE9
#
_cell.length_a   74.419
_cell.length_b   75.490
_cell.length_c   102.917
_cell.angle_alpha   90.00
_cell.angle_beta   90.00
_cell.angle_gamma   90.00
#
_symmetry.space_group_name_H-M   'P 21 21 21'
#
loop_
_entity.id
_entity.type
_entity.pdbx_description
1 polymer 'Disintegrin and metalloproteinase domain-containing protein 17'
2 non-polymer 'ZINC ION'
3 non-polymer (5R)-5-[(5-methoxy-3-oxo-1,3-dihydro-2H-indazol-2-yl)methyl]-5-phenylimidazolidine-2,4-dione
4 non-polymer 'ISOPROPYL ALCOHOL'
5 water water
#
_entity_poly.entity_id   1
_entity_poly.type   'polypeptide(L)'
_entity_poly.pdbx_seq_one_letter_code
;RADPDPMKNTCKLLVVADHRFYRYMGRGEESTTTNYLIELIDRVDDIYRNTAWDNAGFKGYGIQIEQIRILKSPQEVKPG
EKHYNMAKSYPNEEKDAWDVKMLLEQFSFDIAEEASKVCLAHLFTYQDFDMGTLGLAYGGSPRANSHGGVCPKAYYSPVG
KKNIYLNSGLTSTKNYGKTILTKEADLVTTHELGHNFGAEHDPDGLAECAPNEDQGGKYVMYPIAVSGDHENNKMFSQCS
KQSIYKTIESKAQECFQERSNKGSHHHHHH
;
_entity_poly.pdbx_strand_id   A,B
#
loop_
_chem_comp.id
_chem_comp.type
_chem_comp.name
_chem_comp.formula
727 non-polymer (5R)-5-[(5-methoxy-3-oxo-1,3-dihydro-2H-indazol-2-yl)methyl]-5-phenylimidazolidine-2,4-dione 'C18 H16 N4 O4'
IPA non-polymer 'ISOPROPYL ALCOHOL' 'C3 H8 O'
ZN non-polymer 'ZINC ION' 'Zn 2'
#
# COMPACT_ATOMS: atom_id res chain seq x y z
N PRO A 4 5.57 3.49 -0.94
CA PRO A 4 5.81 4.81 -1.53
C PRO A 4 7.27 5.24 -1.45
N ASP A 5 7.86 5.68 -2.59
CA ASP A 5 9.25 6.14 -2.63
C ASP A 5 9.30 7.64 -2.31
N PRO A 6 9.91 8.03 -1.14
CA PRO A 6 9.96 9.48 -0.81
C PRO A 6 10.82 10.31 -1.76
N MET A 7 11.69 9.65 -2.54
CA MET A 7 12.55 10.31 -3.51
C MET A 7 11.83 10.49 -4.86
N LYS A 8 10.65 9.86 -5.03
CA LYS A 8 9.84 9.92 -6.25
C LYS A 8 8.36 10.01 -5.85
N ASN A 9 7.99 11.08 -5.13
CA ASN A 9 6.61 11.21 -4.67
C ASN A 9 5.91 12.52 -5.07
N THR A 10 6.58 13.39 -5.83
CA THR A 10 6.05 14.70 -6.18
C THR A 10 6.06 14.93 -7.68
N CYS A 11 4.92 15.40 -8.21
CA CYS A 11 4.80 15.72 -9.65
C CYS A 11 5.10 17.22 -9.73
N LYS A 12 6.27 17.58 -10.30
CA LYS A 12 6.69 18.97 -10.46
C LYS A 12 5.98 19.61 -11.65
N LEU A 13 5.48 20.83 -11.47
CA LEU A 13 4.69 21.51 -12.50
C LEU A 13 5.36 22.70 -13.14
N LEU A 14 5.10 22.86 -14.42
CA LEU A 14 5.42 24.10 -15.09
C LEU A 14 4.04 24.77 -15.08
N VAL A 15 3.95 25.91 -14.41
CA VAL A 15 2.68 26.65 -14.35
C VAL A 15 2.82 27.86 -15.25
N VAL A 16 1.84 28.07 -16.13
CA VAL A 16 1.87 29.19 -17.06
C VAL A 16 0.67 30.11 -16.83
N ALA A 17 0.93 31.41 -16.61
CA ALA A 17 -0.13 32.41 -16.52
C ALA A 17 -0.10 33.18 -17.83
N ASP A 18 -1.19 33.11 -18.62
CA ASP A 18 -1.20 33.89 -19.88
C ASP A 18 -1.50 35.39 -19.63
N HIS A 19 -1.43 36.21 -20.69
CA HIS A 19 -1.69 37.67 -20.58
C HIS A 19 -3.05 38.01 -19.99
N ARG A 20 -4.06 37.14 -20.25
CA ARG A 20 -5.43 37.33 -19.76
C ARG A 20 -5.44 37.17 -18.25
N PHE A 21 -4.79 36.09 -17.75
CA PHE A 21 -4.68 35.81 -16.33
C PHE A 21 -3.89 36.95 -15.65
N TYR A 22 -2.76 37.35 -16.27
CA TYR A 22 -1.90 38.40 -15.72
C TYR A 22 -2.68 39.71 -15.50
N ARG A 23 -3.45 40.12 -16.51
CA ARG A 23 -4.23 41.35 -16.50
C ARG A 23 -5.41 41.28 -15.52
N TYR A 24 -6.26 40.25 -15.65
CA TYR A 24 -7.49 40.18 -14.85
C TYR A 24 -7.44 39.53 -13.47
N MET A 25 -6.45 38.65 -13.24
CA MET A 25 -6.32 38.02 -11.93
C MET A 25 -5.14 38.62 -11.16
N GLY A 26 -4.05 38.91 -11.86
CA GLY A 26 -2.85 39.48 -11.25
C GLY A 26 -2.80 41.00 -11.25
N ARG A 27 -3.87 41.67 -11.75
CA ARG A 27 -3.99 43.14 -11.81
C ARG A 27 -2.76 43.81 -12.46
N GLY A 28 -2.20 43.13 -13.46
CA GLY A 28 -1.00 43.54 -14.17
C GLY A 28 0.25 43.52 -13.31
N GLU A 29 0.27 42.68 -12.27
CA GLU A 29 1.42 42.58 -11.37
C GLU A 29 1.91 41.15 -11.24
N GLU A 30 3.22 40.96 -11.36
CA GLU A 30 3.85 39.65 -11.22
C GLU A 30 3.64 39.06 -9.81
N SER A 31 3.80 39.87 -8.74
CA SER A 31 3.65 39.39 -7.35
C SER A 31 2.22 38.87 -7.10
N THR A 32 1.19 39.64 -7.52
CA THR A 32 -0.21 39.24 -7.33
C THR A 32 -0.50 37.96 -8.10
N THR A 33 0.04 37.84 -9.34
CA THR A 33 -0.13 36.68 -10.21
C THR A 33 0.45 35.42 -9.57
N THR A 34 1.75 35.47 -9.21
CA THR A 34 2.45 34.33 -8.63
C THR A 34 1.88 33.92 -7.27
N ASN A 35 1.56 34.89 -6.35
CA ASN A 35 1.00 34.55 -5.03
CA ASN A 35 1.01 34.52 -5.04
C ASN A 35 -0.30 33.75 -5.20
N TYR A 36 -1.19 34.20 -6.09
CA TYR A 36 -2.47 33.53 -6.36
C TYR A 36 -2.19 32.03 -6.73
N LEU A 37 -1.27 31.82 -7.70
CA LEU A 37 -0.96 30.49 -8.19
C LEU A 37 -0.25 29.57 -7.18
N ILE A 38 0.70 30.13 -6.44
CA ILE A 38 1.44 29.45 -5.37
C ILE A 38 0.47 28.96 -4.31
N GLU A 39 -0.48 29.81 -3.90
CA GLU A 39 -1.44 29.43 -2.82
C GLU A 39 -2.43 28.42 -3.34
N LEU A 40 -2.90 28.60 -4.59
CA LEU A 40 -3.85 27.64 -5.18
C LEU A 40 -3.21 26.24 -5.27
N ILE A 41 -2.00 26.12 -5.86
CA ILE A 41 -1.34 24.82 -6.00
C ILE A 41 -1.07 24.18 -4.63
N ASP A 42 -0.66 24.97 -3.63
CA ASP A 42 -0.44 24.43 -2.28
C ASP A 42 -1.75 23.84 -1.69
N ARG A 43 -2.91 24.53 -1.83
CA ARG A 43 -4.18 23.98 -1.34
C ARG A 43 -4.61 22.73 -2.12
N VAL A 44 -4.36 22.71 -3.46
CA VAL A 44 -4.66 21.51 -4.26
C VAL A 44 -3.72 20.37 -3.78
N ASP A 45 -2.44 20.69 -3.51
CA ASP A 45 -1.45 19.72 -3.00
C ASP A 45 -1.95 19.07 -1.69
N ASP A 46 -2.54 19.86 -0.78
CA ASP A 46 -3.13 19.33 0.48
C ASP A 46 -4.14 18.21 0.22
N ILE A 47 -4.99 18.36 -0.80
CA ILE A 47 -5.97 17.32 -1.15
C ILE A 47 -5.22 16.05 -1.60
N TYR A 48 -4.26 16.22 -2.52
CA TYR A 48 -3.50 15.09 -3.09
C TYR A 48 -2.65 14.35 -2.05
N ARG A 49 -1.81 15.10 -1.35
CA ARG A 49 -0.84 14.57 -0.39
C ARG A 49 -1.54 13.78 0.75
N ASN A 50 -2.76 14.21 1.13
CA ASN A 50 -3.55 13.56 2.18
C ASN A 50 -4.42 12.40 1.69
N THR A 51 -4.44 12.16 0.38
CA THR A 51 -5.24 11.07 -0.16
C THR A 51 -4.48 9.76 -0.04
N ALA A 52 -5.14 8.75 0.51
CA ALA A 52 -4.63 7.38 0.63
C ALA A 52 -5.24 6.65 -0.57
N TRP A 53 -4.44 6.51 -1.66
CA TRP A 53 -4.86 5.91 -2.94
C TRP A 53 -5.30 4.44 -2.85
N ASP A 54 -4.80 3.72 -1.82
CA ASP A 54 -5.17 2.32 -1.56
C ASP A 54 -5.99 2.17 -0.27
N ASN A 55 -6.32 3.31 0.42
CA ASN A 55 -7.03 3.37 1.70
C ASN A 55 -6.19 2.83 2.87
N ALA A 56 -4.86 2.79 2.67
CA ALA A 56 -3.89 2.33 3.65
C ALA A 56 -2.75 3.37 3.76
N GLY A 57 -1.51 2.95 3.54
CA GLY A 57 -0.33 3.81 3.66
C GLY A 57 0.21 4.35 2.35
N PHE A 58 -0.55 4.22 1.25
CA PHE A 58 -0.08 4.71 -0.04
C PHE A 58 -0.62 6.11 -0.23
N LYS A 59 0.03 7.05 0.49
CA LYS A 59 -0.29 8.48 0.54
C LYS A 59 1.00 9.27 0.54
N GLY A 60 0.87 10.59 0.54
CA GLY A 60 2.03 11.49 0.51
C GLY A 60 2.45 11.89 -0.90
N TYR A 61 1.64 11.52 -1.91
CA TYR A 61 1.89 11.89 -3.30
C TYR A 61 1.24 13.23 -3.59
N GLY A 62 2.05 14.15 -4.09
CA GLY A 62 1.53 15.48 -4.37
C GLY A 62 2.11 16.20 -5.56
N ILE A 63 1.92 17.52 -5.54
CA ILE A 63 2.34 18.38 -6.62
C ILE A 63 3.09 19.59 -6.08
N GLN A 64 4.04 20.07 -6.84
CA GLN A 64 4.78 21.28 -6.46
C GLN A 64 5.14 22.04 -7.68
N ILE A 65 5.19 23.37 -7.56
CA ILE A 65 5.55 24.19 -8.72
C ILE A 65 7.07 24.19 -8.91
N GLU A 66 7.54 23.89 -10.13
CA GLU A 66 8.97 23.97 -10.42
C GLU A 66 9.25 25.38 -11.01
N GLN A 67 8.36 25.85 -11.88
CA GLN A 67 8.50 27.15 -12.53
C GLN A 67 7.15 27.75 -12.82
N ILE A 68 7.07 29.09 -12.70
CA ILE A 68 5.93 29.89 -13.11
C ILE A 68 6.33 30.78 -14.28
N ARG A 69 5.77 30.51 -15.47
CA ARG A 69 6.00 31.38 -16.62
C ARG A 69 4.89 32.43 -16.57
N ILE A 70 5.25 33.71 -16.68
CA ILE A 70 4.31 34.83 -16.60
C ILE A 70 4.35 35.58 -17.93
N LEU A 71 3.27 35.48 -18.69
CA LEU A 71 3.17 36.14 -19.99
C LEU A 71 2.46 37.46 -19.78
N LYS A 72 3.25 38.52 -19.68
CA LYS A 72 2.71 39.85 -19.37
C LYS A 72 1.90 40.47 -20.51
N SER A 73 2.21 40.12 -21.76
CA SER A 73 1.52 40.71 -22.90
C SER A 73 1.11 39.66 -23.95
N PRO A 74 0.16 39.98 -24.88
CA PRO A 74 -0.21 38.96 -25.87
C PRO A 74 0.94 38.61 -26.80
N GLN A 75 0.94 37.37 -27.28
CA GLN A 75 1.96 36.89 -28.20
C GLN A 75 1.62 37.41 -29.61
N GLU A 76 2.55 38.20 -30.19
CA GLU A 76 2.34 38.72 -31.55
C GLU A 76 2.45 37.56 -32.51
N VAL A 77 1.52 37.50 -33.46
CA VAL A 77 1.47 36.41 -34.43
C VAL A 77 1.46 36.98 -35.85
N LYS A 78 2.00 36.22 -36.80
CA LYS A 78 2.00 36.55 -38.23
C LYS A 78 0.59 36.28 -38.75
N PRO A 79 0.13 36.92 -39.85
CA PRO A 79 -1.22 36.61 -40.37
C PRO A 79 -1.37 35.11 -40.61
N GLY A 80 -2.46 34.53 -40.08
CA GLY A 80 -2.75 33.10 -40.20
C GLY A 80 -2.05 32.16 -39.21
N GLU A 81 -1.14 32.69 -38.38
CA GLU A 81 -0.42 31.90 -37.38
C GLU A 81 -1.16 32.03 -36.04
N LYS A 82 -1.21 30.95 -35.25
CA LYS A 82 -1.85 31.01 -33.94
C LYS A 82 -0.91 30.62 -32.80
N HIS A 83 -1.22 31.07 -31.58
CA HIS A 83 -0.43 30.79 -30.39
C HIS A 83 -1.41 30.87 -29.24
N TYR A 84 -1.22 30.01 -28.21
CA TYR A 84 -2.20 30.03 -27.10
C TYR A 84 -2.27 31.36 -26.37
N ASN A 85 -1.17 32.15 -26.41
CA ASN A 85 -1.08 33.44 -25.75
C ASN A 85 -1.41 34.64 -26.66
N MET A 86 -1.94 34.38 -27.86
CA MET A 86 -2.26 35.48 -28.78
C MET A 86 -3.45 36.32 -28.23
N ALA A 87 -3.62 37.56 -28.72
CA ALA A 87 -4.69 38.46 -28.26
C ALA A 87 -6.09 37.93 -28.61
N LYS A 88 -6.28 37.44 -29.84
CA LYS A 88 -7.59 36.97 -30.29
C LYS A 88 -7.92 35.55 -29.87
N SER A 89 -9.21 35.28 -29.68
CA SER A 89 -9.69 33.93 -29.42
C SER A 89 -9.71 33.19 -30.76
N TYR A 90 -9.68 31.87 -30.72
CA TYR A 90 -9.71 30.99 -31.89
C TYR A 90 -10.66 29.82 -31.60
N PRO A 91 -11.52 29.36 -32.54
CA PRO A 91 -11.67 29.78 -33.96
C PRO A 91 -12.52 31.02 -34.24
N ASN A 92 -13.21 31.53 -33.22
CA ASN A 92 -14.07 32.71 -33.39
C ASN A 92 -13.51 33.92 -32.65
N GLU A 93 -12.83 34.82 -33.38
CA GLU A 93 -12.23 36.02 -32.80
C GLU A 93 -13.22 36.98 -32.14
N GLU A 94 -14.51 36.81 -32.43
CA GLU A 94 -15.54 37.68 -31.88
C GLU A 94 -16.01 37.25 -30.47
N LYS A 95 -15.62 36.05 -30.04
CA LYS A 95 -15.97 35.47 -28.75
C LYS A 95 -14.90 35.72 -27.71
N ASP A 96 -15.30 35.80 -26.44
CA ASP A 96 -14.37 36.05 -25.33
C ASP A 96 -13.31 34.95 -25.21
N ALA A 97 -13.68 33.71 -25.55
CA ALA A 97 -12.80 32.56 -25.36
C ALA A 97 -12.59 31.72 -26.58
N TRP A 98 -11.48 30.98 -26.56
CA TRP A 98 -11.16 29.96 -27.54
C TRP A 98 -12.14 28.80 -27.35
N ASP A 99 -12.21 27.86 -28.33
CA ASP A 99 -12.88 26.60 -28.17
C ASP A 99 -11.86 25.88 -27.23
N VAL A 100 -12.35 25.36 -26.08
CA VAL A 100 -11.49 24.78 -25.03
C VAL A 100 -10.52 23.66 -25.51
N LYS A 101 -11.03 22.73 -26.36
CA LYS A 101 -10.21 21.63 -26.87
C LYS A 101 -9.07 22.13 -27.73
N MET A 102 -9.36 23.10 -28.61
CA MET A 102 -8.37 23.70 -29.51
C MET A 102 -7.33 24.47 -28.73
N LEU A 103 -7.75 25.13 -27.61
CA LEU A 103 -6.80 25.85 -26.80
C LEU A 103 -5.83 24.90 -26.09
N LEU A 104 -6.34 23.77 -25.52
CA LEU A 104 -5.46 22.81 -24.82
C LEU A 104 -4.44 22.20 -25.81
N GLU A 105 -4.90 21.84 -27.04
CA GLU A 105 -4.01 21.32 -28.08
C GLU A 105 -2.94 22.37 -28.48
N GLN A 106 -3.35 23.65 -28.68
CA GLN A 106 -2.43 24.76 -29.01
C GLN A 106 -1.38 24.99 -27.93
N PHE A 107 -1.83 25.03 -26.67
CA PHE A 107 -0.93 25.20 -25.53
C PHE A 107 0.09 24.07 -25.55
N SER A 108 -0.36 22.82 -25.71
CA SER A 108 0.52 21.62 -25.73
C SER A 108 1.55 21.73 -26.86
N PHE A 109 1.11 22.25 -28.02
CA PHE A 109 2.01 22.45 -29.16
C PHE A 109 3.09 23.50 -28.84
N ASP A 110 2.67 24.70 -28.41
CA ASP A 110 3.61 25.78 -28.12
C ASP A 110 4.57 25.53 -26.97
N ILE A 111 4.16 24.72 -25.98
CA ILE A 111 4.97 24.48 -24.77
C ILE A 111 5.72 23.13 -24.80
N ALA A 112 5.66 22.44 -25.94
CA ALA A 112 6.22 21.10 -26.14
C ALA A 112 7.64 20.89 -25.62
N GLU A 113 8.57 21.82 -25.92
CA GLU A 113 9.95 21.72 -25.46
C GLU A 113 10.04 21.69 -23.93
N GLU A 114 9.32 22.63 -23.27
CA GLU A 114 9.27 22.73 -21.81
C GLU A 114 8.52 21.54 -21.19
N ALA A 115 7.42 21.12 -21.81
CA ALA A 115 6.59 20.01 -21.27
C ALA A 115 7.37 18.69 -21.25
N SER A 116 8.32 18.49 -22.20
CA SER A 116 9.14 17.27 -22.25
C SER A 116 10.06 17.09 -21.00
N LYS A 117 10.27 18.18 -20.24
CA LYS A 117 11.19 18.17 -19.11
C LYS A 117 10.52 18.18 -17.75
N VAL A 118 9.16 18.18 -17.71
CA VAL A 118 8.42 18.27 -16.44
C VAL A 118 7.36 17.20 -16.34
N CYS A 119 6.92 16.90 -15.10
CA CYS A 119 5.86 15.93 -14.89
C CYS A 119 4.56 16.42 -15.56
N LEU A 120 4.18 17.68 -15.33
CA LEU A 120 2.98 18.31 -15.93
C LEU A 120 3.16 19.78 -16.23
N ALA A 121 2.44 20.27 -17.26
CA ALA A 121 2.40 21.69 -17.57
C ALA A 121 0.94 22.08 -17.34
N HIS A 122 0.69 23.24 -16.75
CA HIS A 122 -0.70 23.65 -16.54
C HIS A 122 -0.88 25.12 -16.91
N LEU A 123 -1.85 25.39 -17.80
CA LEU A 123 -2.15 26.76 -18.22
C LEU A 123 -3.24 27.37 -17.33
N PHE A 124 -3.00 28.59 -16.85
CA PHE A 124 -4.00 29.35 -16.09
C PHE A 124 -4.38 30.53 -16.95
N THR A 125 -5.66 30.63 -17.27
CA THR A 125 -6.18 31.69 -18.16
C THR A 125 -7.39 32.39 -17.53
N TYR A 126 -7.91 33.40 -18.24
CA TYR A 126 -9.07 34.17 -17.83
C TYR A 126 -9.91 34.45 -19.08
N GLN A 127 -10.75 33.47 -19.44
CA GLN A 127 -11.63 33.51 -20.61
C GLN A 127 -12.86 32.67 -20.36
N ASP A 128 -14.00 33.16 -20.85
CA ASP A 128 -15.30 32.57 -20.59
C ASP A 128 -15.68 31.51 -21.61
N PHE A 129 -15.23 30.26 -21.38
CA PHE A 129 -15.52 29.17 -22.29
C PHE A 129 -17.02 28.96 -22.33
N ASP A 130 -17.48 28.53 -23.50
CA ASP A 130 -18.88 28.26 -23.74
C ASP A 130 -19.48 27.21 -22.81
N MET A 131 -20.75 27.42 -22.46
CA MET A 131 -21.56 26.47 -21.70
C MET A 131 -21.03 26.10 -20.30
N GLY A 132 -20.42 27.05 -19.60
CA GLY A 132 -19.98 26.84 -18.22
C GLY A 132 -18.73 25.99 -18.04
N THR A 133 -18.02 25.69 -19.11
CA THR A 133 -16.75 24.93 -19.02
C THR A 133 -15.69 25.78 -18.27
N LEU A 134 -14.96 25.17 -17.30
CA LEU A 134 -13.94 25.82 -16.50
C LEU A 134 -12.52 25.37 -16.83
N GLY A 135 -12.37 24.14 -17.34
CA GLY A 135 -11.05 23.63 -17.68
C GLY A 135 -11.09 22.36 -18.51
N LEU A 136 -9.89 21.86 -18.85
CA LEU A 136 -9.74 20.66 -19.64
C LEU A 136 -8.36 20.07 -19.39
N ALA A 137 -8.22 18.73 -19.51
CA ALA A 137 -6.91 18.10 -19.32
C ALA A 137 -6.83 16.75 -20.05
N TYR A 138 -5.61 16.31 -20.39
CA TYR A 138 -5.44 14.99 -21.00
C TYR A 138 -5.26 14.00 -19.88
N GLY A 139 -5.61 12.74 -20.17
CA GLY A 139 -5.53 11.64 -19.24
C GLY A 139 -6.90 11.40 -18.67
N GLY A 140 -7.18 10.17 -18.28
CA GLY A 140 -8.47 9.79 -17.72
C GLY A 140 -9.63 9.97 -18.69
N HIS A 147 -5.28 9.41 -24.61
CA HIS A 147 -4.18 9.16 -23.65
C HIS A 147 -3.60 10.48 -23.06
N GLY A 148 -2.58 10.36 -22.23
CA GLY A 148 -1.90 11.50 -21.63
C GLY A 148 -1.92 11.57 -20.13
N GLY A 149 -1.64 12.74 -19.59
CA GLY A 149 -1.59 12.91 -18.14
C GLY A 149 -0.16 12.95 -17.63
N VAL A 150 0.03 12.62 -16.34
CA VAL A 150 1.35 12.70 -15.70
C VAL A 150 2.48 12.05 -16.53
N CYS A 151 3.65 12.73 -16.64
CA CYS A 151 4.89 12.30 -17.39
C CYS A 151 4.70 12.50 -18.89
N PRO A 152 5.62 13.20 -19.57
CA PRO A 152 5.38 13.49 -21.00
C PRO A 152 5.23 12.24 -21.87
N LYS A 153 4.12 12.20 -22.60
CA LYS A 153 3.80 11.14 -23.55
C LYS A 153 3.67 11.85 -24.90
N ALA A 154 4.51 11.44 -25.83
CA ALA A 154 4.50 12.05 -27.16
C ALA A 154 3.27 11.70 -27.98
N TYR A 155 2.83 12.68 -28.73
CA TYR A 155 1.78 12.58 -29.73
C TYR A 155 2.32 13.28 -30.97
N TYR A 156 2.41 12.56 -32.11
CA TYR A 156 2.87 13.19 -33.32
C TYR A 156 1.70 13.90 -33.95
N SER A 157 1.79 15.22 -34.03
CA SER A 157 0.73 16.03 -34.59
C SER A 157 0.91 16.13 -36.13
N PRO A 158 0.02 15.52 -36.95
CA PRO A 158 0.19 15.63 -38.42
C PRO A 158 0.07 17.07 -38.91
N VAL A 159 -0.74 17.89 -38.23
CA VAL A 159 -0.96 19.32 -38.51
C VAL A 159 0.24 20.17 -38.07
N GLY A 160 0.72 19.93 -36.85
CA GLY A 160 1.89 20.64 -36.33
C GLY A 160 3.23 20.17 -36.85
N LYS A 161 3.29 18.94 -37.44
CA LYS A 161 4.50 18.31 -37.99
C LYS A 161 5.64 18.10 -36.98
N LYS A 162 5.28 17.87 -35.71
CA LYS A 162 6.25 17.60 -34.63
C LYS A 162 5.55 16.86 -33.50
N ASN A 163 6.33 16.37 -32.55
CA ASN A 163 5.75 15.75 -31.39
C ASN A 163 5.33 16.82 -30.41
N ILE A 164 4.15 16.64 -29.83
CA ILE A 164 3.65 17.46 -28.72
C ILE A 164 3.55 16.43 -27.56
N TYR A 165 3.41 16.91 -26.31
CA TYR A 165 3.30 16.02 -25.15
C TYR A 165 1.98 16.19 -24.49
N LEU A 166 1.39 15.10 -24.02
CA LEU A 166 0.04 15.08 -23.46
C LEU A 166 -0.01 15.25 -21.94
N ASN A 167 1.05 15.79 -21.34
CA ASN A 167 1.16 15.96 -19.88
C ASN A 167 0.70 17.39 -19.55
N SER A 168 -0.50 17.75 -20.01
CA SER A 168 -0.98 19.13 -19.90
C SER A 168 -2.48 19.25 -19.51
N GLY A 169 -2.85 20.44 -19.11
CA GLY A 169 -4.21 20.78 -18.69
C GLY A 169 -4.33 22.28 -18.51
N LEU A 170 -5.55 22.78 -18.36
CA LEU A 170 -5.76 24.20 -18.21
C LEU A 170 -6.91 24.49 -17.26
N THR A 171 -6.86 25.67 -16.65
CA THR A 171 -7.91 26.17 -15.74
C THR A 171 -8.22 27.60 -16.16
N SER A 172 -9.50 27.95 -16.26
CA SER A 172 -9.91 29.36 -16.44
C SER A 172 -10.56 29.78 -15.14
N THR A 173 -10.22 30.98 -14.63
CA THR A 173 -10.85 31.51 -13.41
C THR A 173 -11.97 32.50 -13.72
N LYS A 174 -12.40 32.53 -14.99
CA LYS A 174 -13.56 33.33 -15.46
C LYS A 174 -14.64 32.35 -15.90
N ASN A 175 -15.88 32.60 -15.46
CA ASN A 175 -17.03 31.81 -15.86
C ASN A 175 -18.30 32.67 -15.75
N TYR A 176 -19.08 32.75 -16.85
CA TYR A 176 -20.33 33.54 -16.84
C TYR A 176 -20.08 35.00 -16.47
N GLY A 177 -19.10 35.61 -17.13
CA GLY A 177 -18.80 37.03 -17.00
C GLY A 177 -18.24 37.49 -15.68
N LYS A 178 -17.76 36.57 -14.83
CA LYS A 178 -17.18 37.00 -13.58
C LYS A 178 -16.07 36.07 -13.08
N THR A 179 -15.23 36.61 -12.19
CA THR A 179 -14.15 35.83 -11.55
C THR A 179 -14.79 34.83 -10.62
N ILE A 180 -14.42 33.55 -10.78
CA ILE A 180 -14.93 32.49 -9.90
C ILE A 180 -14.29 32.66 -8.50
N LEU A 181 -14.94 32.11 -7.46
CA LEU A 181 -14.42 32.16 -6.09
C LEU A 181 -13.14 31.34 -6.04
N THR A 182 -12.22 31.68 -5.13
CA THR A 182 -11.00 30.89 -4.97
C THR A 182 -11.38 29.43 -4.60
N LYS A 183 -12.47 29.23 -3.80
CA LYS A 183 -12.90 27.88 -3.45
C LYS A 183 -13.34 27.06 -4.69
N GLU A 184 -13.91 27.73 -5.71
CA GLU A 184 -14.29 27.09 -6.97
C GLU A 184 -13.04 26.85 -7.81
N ALA A 185 -12.12 27.82 -7.87
CA ALA A 185 -10.87 27.66 -8.68
C ALA A 185 -10.06 26.45 -8.22
N ASP A 186 -9.96 26.24 -6.85
CA ASP A 186 -9.26 25.11 -6.28
C ASP A 186 -9.83 23.82 -6.82
N LEU A 187 -11.16 23.74 -6.91
CA LEU A 187 -11.87 22.55 -7.38
C LEU A 187 -11.63 22.27 -8.86
N VAL A 188 -11.61 23.32 -9.69
CA VAL A 188 -11.32 23.15 -11.13
C VAL A 188 -9.94 22.50 -11.30
N THR A 189 -8.90 23.16 -10.74
CA THR A 189 -7.53 22.65 -10.87
C THR A 189 -7.41 21.25 -10.29
N THR A 190 -8.08 20.96 -9.14
CA THR A 190 -8.05 19.58 -8.60
C THR A 190 -8.63 18.58 -9.61
N HIS A 191 -9.81 18.92 -10.21
CA HIS A 191 -10.49 18.07 -11.19
C HIS A 191 -9.61 17.83 -12.44
N GLU A 192 -8.99 18.90 -12.99
CA GLU A 192 -8.12 18.81 -14.17
C GLU A 192 -6.88 17.95 -13.88
N LEU A 193 -6.21 18.22 -12.74
CA LEU A 193 -5.06 17.40 -12.35
C LEU A 193 -5.48 15.97 -12.05
N GLY A 194 -6.73 15.78 -11.61
CA GLY A 194 -7.31 14.46 -11.35
C GLY A 194 -7.32 13.62 -12.63
N HIS A 195 -7.72 14.24 -13.75
CA HIS A 195 -7.71 13.61 -15.08
C HIS A 195 -6.25 13.32 -15.46
N ASN A 196 -5.32 14.27 -15.18
CA ASN A 196 -3.90 14.03 -15.45
C ASN A 196 -3.37 12.84 -14.70
N PHE A 197 -3.82 12.68 -13.44
CA PHE A 197 -3.40 11.55 -12.60
C PHE A 197 -4.10 10.23 -12.98
N GLY A 198 -5.00 10.27 -13.95
CA GLY A 198 -5.67 9.09 -14.50
C GLY A 198 -7.13 8.85 -14.17
N ALA A 199 -7.76 9.72 -13.35
CA ALA A 199 -9.17 9.53 -13.00
C ALA A 199 -10.12 9.96 -14.12
N GLU A 200 -11.20 9.20 -14.28
CA GLU A 200 -12.29 9.51 -15.21
C GLU A 200 -13.38 10.14 -14.37
N HIS A 201 -14.44 10.60 -15.00
CA HIS A 201 -15.55 11.17 -14.23
C HIS A 201 -16.26 10.13 -13.36
N ASP A 202 -16.75 10.55 -12.17
CA ASP A 202 -17.55 9.68 -11.28
C ASP A 202 -18.91 9.45 -11.92
N PRO A 203 -19.35 8.17 -12.03
CA PRO A 203 -20.67 7.91 -12.64
C PRO A 203 -21.84 7.87 -11.65
N ASP A 204 -23.04 8.31 -12.09
CA ASP A 204 -24.26 8.27 -11.26
C ASP A 204 -24.59 6.85 -10.82
N GLY A 205 -24.32 5.89 -11.70
CA GLY A 205 -24.57 4.47 -11.49
C GLY A 205 -23.84 3.82 -10.34
N LEU A 206 -22.87 4.51 -9.73
CA LEU A 206 -22.14 3.98 -8.57
C LEU A 206 -22.31 4.96 -7.44
N ALA A 207 -23.32 4.70 -6.58
CA ALA A 207 -23.69 5.52 -5.42
C ALA A 207 -22.52 5.86 -4.51
N GLU A 208 -21.57 4.93 -4.36
CA GLU A 208 -20.37 5.12 -3.53
C GLU A 208 -19.57 6.31 -4.07
N CYS A 209 -19.54 6.44 -5.41
CA CYS A 209 -18.78 7.45 -6.14
C CYS A 209 -19.50 8.72 -6.49
N ALA A 210 -20.84 8.73 -6.34
CA ALA A 210 -21.63 9.93 -6.57
C ALA A 210 -22.76 9.99 -5.52
N PRO A 211 -22.40 10.27 -4.24
CA PRO A 211 -23.41 10.31 -3.18
C PRO A 211 -24.40 11.47 -3.28
N ASN A 212 -25.54 11.33 -2.56
CA ASN A 212 -26.58 12.37 -2.47
C ASN A 212 -26.06 13.47 -1.54
N GLU A 213 -26.76 14.62 -1.48
CA GLU A 213 -26.39 15.77 -0.62
C GLU A 213 -26.37 15.46 0.88
N ASP A 214 -27.24 14.53 1.34
CA ASP A 214 -27.34 14.10 2.74
C ASP A 214 -26.13 13.23 3.14
N GLN A 215 -25.53 12.55 2.14
CA GLN A 215 -24.35 11.69 2.29
C GLN A 215 -23.02 12.43 2.03
N GLY A 216 -23.08 13.76 1.97
CA GLY A 216 -21.90 14.62 1.76
C GLY A 216 -21.72 15.19 0.37
N GLY A 217 -22.62 14.84 -0.55
CA GLY A 217 -22.58 15.34 -1.92
C GLY A 217 -21.59 14.64 -2.83
N LYS A 218 -21.38 15.23 -4.01
CA LYS A 218 -20.52 14.64 -5.02
C LYS A 218 -19.03 14.84 -4.72
N TYR A 219 -18.18 13.98 -5.30
CA TYR A 219 -16.71 14.09 -5.22
C TYR A 219 -16.16 14.96 -6.36
N VAL A 220 -14.85 15.33 -6.28
CA VAL A 220 -14.22 16.26 -7.21
C VAL A 220 -14.31 15.89 -8.70
N MET A 221 -14.28 14.58 -8.99
CA MET A 221 -14.37 14.04 -10.36
C MET A 221 -15.79 13.91 -10.96
N TYR A 222 -16.78 14.50 -10.31
CA TYR A 222 -18.15 14.50 -10.84
C TYR A 222 -18.14 15.40 -12.10
N PRO A 223 -18.80 15.02 -13.21
CA PRO A 223 -18.70 15.84 -14.43
C PRO A 223 -19.32 17.26 -14.34
N ILE A 224 -20.28 17.46 -13.42
CA ILE A 224 -20.95 18.76 -13.19
C ILE A 224 -20.18 19.44 -12.07
N ALA A 225 -19.73 20.67 -12.32
CA ALA A 225 -18.88 21.42 -11.40
C ALA A 225 -19.34 21.51 -9.97
N VAL A 226 -18.57 20.88 -9.06
CA VAL A 226 -18.79 20.89 -7.61
C VAL A 226 -18.49 22.32 -7.12
N SER A 227 -19.36 22.87 -6.25
CA SER A 227 -19.24 24.26 -5.74
C SER A 227 -18.30 24.44 -4.56
N GLY A 228 -18.16 23.41 -3.72
CA GLY A 228 -17.26 23.45 -2.57
C GLY A 228 -17.94 23.58 -1.22
N ASP A 229 -19.28 23.71 -1.22
CA ASP A 229 -20.07 23.83 0.01
C ASP A 229 -20.42 22.49 0.65
N HIS A 230 -20.32 21.38 -0.11
CA HIS A 230 -20.59 20.03 0.41
C HIS A 230 -19.27 19.37 0.74
N GLU A 231 -19.27 18.55 1.81
CA GLU A 231 -18.09 17.88 2.34
C GLU A 231 -17.21 17.15 1.33
N ASN A 232 -17.83 16.31 0.50
CA ASN A 232 -17.14 15.48 -0.49
C ASN A 232 -16.54 16.22 -1.67
N ASN A 233 -17.03 17.43 -1.96
CA ASN A 233 -16.65 18.26 -3.12
C ASN A 233 -15.15 18.37 -3.35
N LYS A 234 -14.37 18.55 -2.26
CA LYS A 234 -12.92 18.71 -2.32
C LYS A 234 -12.16 17.38 -2.32
N MET A 235 -12.87 16.25 -2.21
CA MET A 235 -12.24 14.95 -2.09
C MET A 235 -12.38 14.04 -3.33
N PHE A 236 -11.49 13.05 -3.44
CA PHE A 236 -11.55 12.04 -4.51
C PHE A 236 -12.42 10.87 -4.06
N SER A 237 -13.28 10.39 -4.96
CA SER A 237 -14.12 9.22 -4.73
C SER A 237 -13.23 7.97 -4.72
N GLN A 238 -13.79 6.83 -4.31
CA GLN A 238 -13.09 5.54 -4.35
C GLN A 238 -12.83 5.14 -5.80
N CYS A 239 -13.72 5.55 -6.75
CA CYS A 239 -13.55 5.31 -8.20
C CYS A 239 -12.28 6.02 -8.69
N SER A 240 -12.14 7.32 -8.34
CA SER A 240 -10.93 8.09 -8.71
C SER A 240 -9.68 7.47 -8.10
N LYS A 241 -9.75 7.13 -6.80
CA LYS A 241 -8.61 6.54 -6.09
C LYS A 241 -8.14 5.27 -6.77
N GLN A 242 -9.07 4.34 -7.12
CA GLN A 242 -8.74 3.08 -7.79
C GLN A 242 -7.99 3.32 -9.12
N SER A 243 -8.48 4.29 -9.93
CA SER A 243 -7.88 4.66 -11.22
C SER A 243 -6.50 5.28 -11.03
N ILE A 244 -6.37 6.26 -10.10
CA ILE A 244 -5.14 7.00 -9.84
C ILE A 244 -4.07 6.09 -9.23
N TYR A 245 -4.49 5.22 -8.28
CA TYR A 245 -3.60 4.25 -7.64
C TYR A 245 -2.86 3.47 -8.71
N LYS A 246 -3.59 2.93 -9.73
CA LYS A 246 -2.97 2.22 -10.85
C LYS A 246 -1.97 3.10 -11.62
N THR A 247 -2.28 4.40 -11.82
CA THR A 247 -1.39 5.34 -12.52
C THR A 247 -0.10 5.59 -11.69
N ILE A 248 -0.23 6.04 -10.41
CA ILE A 248 0.92 6.39 -9.55
C ILE A 248 1.91 5.24 -9.46
N GLU A 249 1.39 4.02 -9.31
CA GLU A 249 2.10 2.73 -9.26
C GLU A 249 2.87 2.43 -10.55
N SER A 250 2.48 3.07 -11.66
CA SER A 250 3.09 2.91 -12.97
C SER A 250 3.94 4.14 -13.40
N LYS A 251 3.68 5.36 -12.83
CA LYS A 251 4.28 6.65 -13.23
C LYS A 251 5.26 7.37 -12.31
N ALA A 252 5.16 7.18 -10.96
CA ALA A 252 6.05 7.88 -10.03
C ALA A 252 7.52 7.63 -10.35
N GLN A 253 7.87 6.37 -10.65
CA GLN A 253 9.26 6.03 -10.96
C GLN A 253 9.73 6.64 -12.28
N GLU A 254 8.77 6.87 -13.20
CA GLU A 254 9.03 7.48 -14.50
C GLU A 254 9.37 8.98 -14.36
N CYS A 255 8.55 9.80 -13.64
CA CYS A 255 8.85 11.24 -13.64
C CYS A 255 8.60 11.98 -12.34
N PHE A 256 8.23 11.31 -11.25
CA PHE A 256 8.07 12.04 -9.99
C PHE A 256 9.45 12.29 -9.36
N GLN A 257 9.54 13.33 -8.53
CA GLN A 257 10.79 13.70 -7.89
C GLN A 257 10.59 13.83 -6.36
N GLU A 258 11.66 14.21 -5.66
CA GLU A 258 11.58 14.44 -4.23
C GLU A 258 10.92 15.79 -3.95
N ARG A 259 10.07 15.83 -2.91
CA ARG A 259 9.40 17.02 -2.43
C ARG A 259 10.46 18.02 -1.96
N SER A 260 10.33 19.29 -2.37
CA SER A 260 11.24 20.37 -1.95
C SER A 260 10.77 21.04 -0.66
N PRO B 6 15.36 -34.88 30.68
CA PRO B 6 15.66 -34.00 31.83
C PRO B 6 16.63 -32.88 31.46
N MET B 7 17.79 -33.24 30.90
CA MET B 7 18.84 -32.30 30.46
C MET B 7 18.49 -31.71 29.09
N LYS B 8 17.99 -32.57 28.19
CA LYS B 8 17.55 -32.24 26.82
C LYS B 8 16.13 -31.69 26.93
N ASN B 9 16.01 -30.38 27.23
CA ASN B 9 14.72 -29.72 27.44
C ASN B 9 14.44 -28.51 26.53
N THR B 10 15.31 -28.30 25.56
CA THR B 10 15.21 -27.13 24.69
C THR B 10 15.15 -27.50 23.23
N CYS B 11 14.14 -26.96 22.53
CA CYS B 11 13.99 -27.13 21.09
C CYS B 11 14.60 -25.89 20.48
N LYS B 12 15.77 -26.06 19.84
CA LYS B 12 16.49 -24.99 19.19
C LYS B 12 15.80 -24.57 17.91
N LEU B 13 15.70 -23.24 17.70
CA LEU B 13 15.03 -22.67 16.55
C LEU B 13 15.91 -21.94 15.59
N LEU B 14 15.56 -22.07 14.31
CA LEU B 14 16.06 -21.27 13.23
C LEU B 14 14.88 -20.30 13.02
N VAL B 15 15.13 -19.01 13.24
CA VAL B 15 14.11 -17.98 13.09
C VAL B 15 14.45 -17.19 11.85
N VAL B 16 13.49 -17.08 10.94
CA VAL B 16 13.66 -16.34 9.70
C VAL B 16 12.66 -15.21 9.60
N ALA B 17 13.17 -13.99 9.34
CA ALA B 17 12.33 -12.83 9.07
C ALA B 17 12.50 -12.52 7.58
N ASP B 18 11.39 -12.48 6.82
CA ASP B 18 11.44 -12.18 5.38
C ASP B 18 11.53 -10.66 5.13
N HIS B 19 11.59 -10.23 3.85
CA HIS B 19 11.68 -8.81 3.48
C HIS B 19 10.49 -7.98 3.94
N ARG B 20 9.30 -8.59 4.00
CA ARG B 20 8.05 -7.93 4.44
C ARG B 20 8.08 -7.69 5.95
N PHE B 21 8.56 -8.68 6.72
CA PHE B 21 8.68 -8.51 8.18
C PHE B 21 9.74 -7.43 8.49
N TYR B 22 10.91 -7.50 7.84
CA TYR B 22 12.04 -6.57 7.97
C TYR B 22 11.60 -5.12 7.70
N ARG B 23 10.83 -4.89 6.62
CA ARG B 23 10.36 -3.58 6.19
C ARG B 23 9.23 -3.01 7.04
N TYR B 24 8.14 -3.78 7.26
CA TYR B 24 6.95 -3.31 7.97
C TYR B 24 6.89 -3.51 9.48
N MET B 25 7.83 -4.30 10.05
CA MET B 25 7.84 -4.55 11.48
C MET B 25 9.15 -4.12 12.12
N GLY B 26 10.25 -4.32 11.40
CA GLY B 26 11.58 -3.96 11.89
C GLY B 26 12.09 -2.64 11.37
N ARG B 27 11.20 -1.81 10.78
CA ARG B 27 11.46 -0.49 10.19
C ARG B 27 12.72 -0.41 9.29
N GLY B 28 12.94 -1.47 8.52
CA GLY B 28 14.08 -1.60 7.63
C GLY B 28 15.43 -1.62 8.31
N GLU B 29 15.46 -2.07 9.59
CA GLU B 29 16.69 -2.15 10.38
C GLU B 29 16.92 -3.55 10.92
N GLU B 30 18.15 -4.05 10.79
CA GLU B 30 18.57 -5.36 11.27
C GLU B 30 18.35 -5.47 12.79
N SER B 31 18.86 -4.48 13.56
CA SER B 31 18.72 -4.39 15.02
C SER B 31 17.26 -4.45 15.49
N THR B 32 16.37 -3.59 14.93
CA THR B 32 14.96 -3.52 15.32
C THR B 32 14.27 -4.87 15.10
N THR B 33 14.46 -5.45 13.90
CA THR B 33 13.93 -6.76 13.48
C THR B 33 14.38 -7.85 14.45
N THR B 34 15.69 -7.89 14.77
CA THR B 34 16.31 -8.88 15.67
C THR B 34 15.73 -8.79 17.08
N ASN B 35 15.69 -7.58 17.66
CA ASN B 35 15.21 -7.34 19.00
C ASN B 35 13.73 -7.78 19.17
N TYR B 36 12.85 -7.46 18.19
CA TYR B 36 11.43 -7.84 18.23
C TYR B 36 11.33 -9.38 18.34
N LEU B 37 12.07 -10.11 17.47
CA LEU B 37 12.07 -11.58 17.44
C LEU B 37 12.69 -12.19 18.67
N ILE B 38 13.81 -11.63 19.19
CA ILE B 38 14.43 -12.12 20.42
C ILE B 38 13.44 -12.04 21.59
N GLU B 39 12.79 -10.87 21.77
CA GLU B 39 11.85 -10.63 22.85
C GLU B 39 10.61 -11.50 22.70
N LEU B 40 10.07 -11.63 21.49
CA LEU B 40 8.89 -12.48 21.25
C LEU B 40 9.22 -13.91 21.63
N ILE B 41 10.34 -14.47 21.11
CA ILE B 41 10.71 -15.86 21.45
C ILE B 41 10.93 -16.04 22.95
N ASP B 42 11.54 -15.03 23.64
CA ASP B 42 11.74 -15.13 25.09
C ASP B 42 10.39 -15.20 25.85
N ARG B 43 9.39 -14.38 25.47
CA ARG B 43 8.07 -14.40 26.15
C ARG B 43 7.29 -15.71 25.82
N VAL B 44 7.41 -16.22 24.59
CA VAL B 44 6.80 -17.51 24.18
C VAL B 44 7.48 -18.64 25.00
N ASP B 45 8.83 -18.57 25.12
CA ASP B 45 9.55 -19.56 25.91
C ASP B 45 9.05 -19.56 27.36
N ASP B 46 8.74 -18.38 27.96
CA ASP B 46 8.23 -18.31 29.33
C ASP B 46 6.94 -19.18 29.49
N ILE B 47 6.05 -19.12 28.49
CA ILE B 47 4.79 -19.90 28.48
C ILE B 47 5.13 -21.41 28.57
N TYR B 48 5.97 -21.86 27.66
CA TYR B 48 6.41 -23.25 27.57
C TYR B 48 7.11 -23.74 28.82
N ARG B 49 8.08 -22.96 29.36
CA ARG B 49 8.87 -23.36 30.54
C ARG B 49 8.03 -23.57 31.81
N ASN B 50 7.05 -22.70 32.03
CA ASN B 50 6.13 -22.77 33.17
C ASN B 50 5.06 -23.84 32.99
N THR B 51 5.00 -24.48 31.81
CA THR B 51 4.00 -25.53 31.59
C THR B 51 4.46 -26.87 32.18
N ALA B 52 3.64 -27.45 33.08
CA ALA B 52 3.87 -28.78 33.67
C ALA B 52 3.03 -29.77 32.85
N TRP B 53 3.69 -30.40 31.85
CA TRP B 53 3.07 -31.33 30.91
C TRP B 53 2.31 -32.52 31.52
N ASP B 54 2.64 -32.89 32.78
CA ASP B 54 1.99 -33.98 33.54
C ASP B 54 1.26 -33.47 34.80
N ASN B 55 1.08 -32.12 34.94
CA ASN B 55 0.44 -31.45 36.10
C ASN B 55 1.17 -31.69 37.42
N ALA B 56 2.47 -32.05 37.33
CA ALA B 56 3.32 -32.33 38.49
C ALA B 56 4.61 -31.52 38.33
N GLY B 57 5.75 -32.20 38.15
CA GLY B 57 7.04 -31.54 38.00
C GLY B 57 7.71 -31.75 36.66
N PHE B 58 6.95 -32.09 35.62
CA PHE B 58 7.54 -32.27 34.30
C PHE B 58 7.42 -30.95 33.52
N LYS B 59 8.15 -29.94 34.01
CA LYS B 59 8.23 -28.59 33.43
C LYS B 59 9.65 -28.25 33.02
N GLY B 60 9.88 -26.99 32.63
CA GLY B 60 11.18 -26.50 32.21
C GLY B 60 11.53 -26.87 30.78
N TYR B 61 10.53 -27.31 29.98
CA TYR B 61 10.74 -27.62 28.56
C TYR B 61 10.41 -26.36 27.75
N GLY B 62 11.23 -26.04 26.77
CA GLY B 62 10.99 -24.85 25.97
C GLY B 62 11.79 -24.71 24.70
N ILE B 63 11.94 -23.46 24.28
CA ILE B 63 12.55 -23.07 23.01
C ILE B 63 13.68 -22.06 23.23
N GLN B 64 14.54 -21.90 22.21
CA GLN B 64 15.67 -20.98 22.22
C GLN B 64 16.10 -20.75 20.78
N ILE B 65 16.36 -19.50 20.43
CA ILE B 65 16.81 -19.18 19.06
C ILE B 65 18.27 -19.67 18.93
N GLU B 66 18.54 -20.46 17.88
CA GLU B 66 19.89 -20.94 17.57
C GLU B 66 20.50 -19.98 16.54
N GLN B 67 19.71 -19.61 15.51
CA GLN B 67 20.12 -18.68 14.46
C GLN B 67 18.95 -17.79 14.02
N ILE B 68 19.27 -16.52 13.74
CA ILE B 68 18.33 -15.55 13.18
C ILE B 68 18.81 -15.24 11.77
N ARG B 69 17.92 -15.33 10.80
CA ARG B 69 18.24 -15.00 9.42
C ARG B 69 17.29 -13.91 8.99
N ILE B 70 17.84 -12.72 8.73
CA ILE B 70 17.03 -11.59 8.29
C ILE B 70 17.28 -11.43 6.81
N LEU B 71 16.20 -11.41 6.04
CA LEU B 71 16.25 -11.23 4.59
C LEU B 71 15.83 -9.80 4.33
N LYS B 72 16.82 -8.95 4.02
CA LYS B 72 16.64 -7.50 3.83
C LYS B 72 15.93 -7.10 2.54
N SER B 73 16.15 -7.87 1.47
CA SER B 73 15.58 -7.58 0.16
C SER B 73 14.82 -8.82 -0.38
N PRO B 74 13.85 -8.63 -1.32
CA PRO B 74 13.16 -9.80 -1.88
C PRO B 74 14.14 -10.71 -2.64
N GLN B 75 13.79 -11.99 -2.76
CA GLN B 75 14.61 -12.95 -3.48
C GLN B 75 14.20 -12.87 -4.95
N GLU B 76 15.19 -12.68 -5.84
CA GLU B 76 14.94 -12.62 -7.28
C GLU B 76 14.65 -14.04 -7.75
N VAL B 77 13.63 -14.19 -8.61
CA VAL B 77 13.19 -15.47 -9.14
C VAL B 77 13.13 -15.49 -10.70
N LYS B 78 13.41 -16.67 -11.31
CA LYS B 78 13.31 -16.88 -12.76
C LYS B 78 11.80 -16.96 -13.13
N PRO B 79 11.37 -16.66 -14.37
CA PRO B 79 9.93 -16.73 -14.69
C PRO B 79 9.35 -18.13 -14.50
N GLY B 80 8.41 -18.23 -13.56
CA GLY B 80 7.76 -19.48 -13.21
C GLY B 80 8.18 -20.04 -11.87
N GLU B 81 9.49 -19.88 -11.52
CA GLU B 81 10.04 -20.34 -10.24
C GLU B 81 9.50 -19.52 -9.07
N LYS B 82 9.48 -20.11 -7.87
CA LYS B 82 8.98 -19.42 -6.68
C LYS B 82 9.95 -19.54 -5.52
N HIS B 83 9.85 -18.58 -4.60
CA HIS B 83 10.65 -18.52 -3.38
C HIS B 83 9.77 -17.88 -2.29
N TYR B 84 9.85 -18.35 -1.02
CA TYR B 84 9.02 -17.77 0.05
C TYR B 84 9.30 -16.28 0.27
N ASN B 85 10.54 -15.86 -0.01
CA ASN B 85 10.99 -14.47 0.16
C ASN B 85 10.94 -13.64 -1.15
N MET B 86 10.22 -14.12 -2.18
CA MET B 86 10.06 -13.39 -3.43
C MET B 86 9.18 -12.15 -3.24
N ALA B 87 9.25 -11.16 -4.15
CA ALA B 87 8.49 -9.90 -4.02
C ALA B 87 7.00 -10.07 -4.15
N LYS B 88 6.55 -10.83 -5.16
CA LYS B 88 5.12 -11.01 -5.39
C LYS B 88 4.52 -12.16 -4.56
N SER B 89 3.19 -12.12 -4.37
CA SER B 89 2.46 -13.16 -3.66
C SER B 89 2.14 -14.30 -4.64
N TYR B 90 1.81 -15.49 -4.11
CA TYR B 90 1.45 -16.66 -4.91
C TYR B 90 0.25 -17.42 -4.29
N PRO B 91 -0.77 -17.90 -5.05
CA PRO B 91 -0.93 -17.90 -6.51
C PRO B 91 -1.39 -16.61 -7.17
N ASN B 92 -2.06 -15.71 -6.41
CA ASN B 92 -2.57 -14.44 -6.93
C ASN B 92 -1.64 -13.28 -6.60
N GLU B 93 -1.06 -12.68 -7.65
CA GLU B 93 -0.14 -11.53 -7.60
C GLU B 93 -0.85 -10.29 -7.05
N GLU B 94 -2.14 -10.11 -7.41
CA GLU B 94 -3.00 -9.00 -7.01
C GLU B 94 -3.31 -8.93 -5.51
N LYS B 95 -3.25 -10.07 -4.81
CA LYS B 95 -3.54 -10.15 -3.37
C LYS B 95 -2.31 -9.80 -2.52
N ASP B 96 -2.55 -9.22 -1.32
CA ASP B 96 -1.51 -8.85 -0.37
C ASP B 96 -0.71 -10.07 0.13
N ALA B 97 -1.38 -11.24 0.28
CA ALA B 97 -0.74 -12.45 0.80
C ALA B 97 -0.82 -13.69 -0.10
N TRP B 98 0.09 -14.65 0.15
CA TRP B 98 0.11 -15.96 -0.49
C TRP B 98 -1.06 -16.75 0.05
N ASP B 99 -1.32 -17.92 -0.55
CA ASP B 99 -2.27 -18.87 0.03
C ASP B 99 -1.37 -19.42 1.18
N VAL B 100 -1.87 -19.44 2.43
CA VAL B 100 -1.05 -19.82 3.59
C VAL B 100 -0.39 -21.22 3.52
N LYS B 101 -1.16 -22.23 3.05
CA LYS B 101 -0.65 -23.59 2.91
C LYS B 101 0.49 -23.63 1.89
N MET B 102 0.31 -22.96 0.76
CA MET B 102 1.33 -22.90 -0.29
C MET B 102 2.62 -22.20 0.19
N LEU B 103 2.47 -21.12 0.99
CA LEU B 103 3.64 -20.43 1.54
C LEU B 103 4.43 -21.29 2.51
N LEU B 104 3.73 -22.05 3.40
CA LEU B 104 4.43 -22.89 4.37
C LEU B 104 5.19 -23.99 3.66
N GLU B 105 4.58 -24.57 2.61
CA GLU B 105 5.23 -25.60 1.81
C GLU B 105 6.48 -25.03 1.10
N GLN B 106 6.36 -23.82 0.53
CA GLN B 106 7.47 -23.11 -0.15
C GLN B 106 8.63 -22.79 0.78
N PHE B 107 8.32 -22.30 2.01
CA PHE B 107 9.34 -21.99 3.02
C PHE B 107 10.12 -23.25 3.40
N SER B 108 9.38 -24.36 3.68
CA SER B 108 9.94 -25.66 4.03
C SER B 108 10.89 -26.17 2.94
N PHE B 109 10.52 -25.96 1.65
CA PHE B 109 11.32 -26.33 0.49
C PHE B 109 12.66 -25.53 0.47
N ASP B 110 12.56 -24.19 0.46
CA ASP B 110 13.71 -23.27 0.43
C ASP B 110 14.69 -23.40 1.60
N ILE B 111 14.16 -23.64 2.82
CA ILE B 111 14.96 -23.72 4.02
C ILE B 111 15.42 -25.13 4.41
N ALA B 112 15.14 -26.13 3.54
CA ALA B 112 15.41 -27.55 3.78
C ALA B 112 16.80 -27.84 4.31
N GLU B 113 17.81 -27.30 3.62
CA GLU B 113 19.23 -27.44 3.95
C GLU B 113 19.46 -27.04 5.41
N GLU B 114 18.99 -25.85 5.79
CA GLU B 114 19.13 -25.33 7.16
C GLU B 114 18.22 -26.05 8.18
N ALA B 115 16.94 -26.34 7.81
CA ALA B 115 15.96 -27.01 8.67
C ALA B 115 16.40 -28.40 9.10
N SER B 116 17.22 -29.09 8.26
CA SER B 116 17.77 -30.42 8.55
C SER B 116 18.65 -30.45 9.79
N LYS B 117 19.14 -29.27 10.22
CA LYS B 117 20.08 -29.08 11.32
C LYS B 117 19.48 -28.56 12.64
N VAL B 118 18.17 -28.24 12.67
CA VAL B 118 17.53 -27.65 13.86
C VAL B 118 16.26 -28.37 14.26
N CYS B 119 15.87 -28.23 15.55
CA CYS B 119 14.63 -28.82 16.06
C CYS B 119 13.43 -28.28 15.27
N LEU B 120 13.36 -26.94 15.09
CA LEU B 120 12.31 -26.28 14.33
C LEU B 120 12.79 -25.06 13.58
N ALA B 121 12.13 -24.75 12.44
CA ALA B 121 12.37 -23.54 11.67
C ALA B 121 11.06 -22.74 11.71
N HIS B 122 11.13 -21.41 11.92
CA HIS B 122 9.90 -20.59 11.94
C HIS B 122 10.06 -19.35 11.08
N LEU B 123 9.08 -19.12 10.22
CA LEU B 123 9.05 -17.95 9.36
C LEU B 123 8.16 -16.85 9.98
N PHE B 124 8.73 -15.65 10.08
CA PHE B 124 8.00 -14.46 10.52
C PHE B 124 7.81 -13.58 9.29
N THR B 125 6.54 -13.29 8.96
CA THR B 125 6.15 -12.48 7.79
C THR B 125 5.15 -11.36 8.14
N TYR B 126 4.79 -10.55 7.15
CA TYR B 126 3.82 -9.46 7.32
C TYR B 126 2.92 -9.46 6.09
N GLN B 127 1.96 -10.40 6.08
CA GLN B 127 1.01 -10.65 4.98
C GLN B 127 -0.39 -10.83 5.51
N ASP B 128 -1.37 -10.27 4.83
CA ASP B 128 -2.76 -10.39 5.25
C ASP B 128 -3.44 -11.62 4.65
N PHE B 129 -3.30 -12.80 5.29
CA PHE B 129 -3.92 -14.05 4.81
C PHE B 129 -5.45 -13.98 4.87
N ASP B 130 -6.13 -14.64 3.92
CA ASP B 130 -7.60 -14.67 3.87
C ASP B 130 -8.24 -15.30 5.13
N MET B 131 -9.51 -14.91 5.40
CA MET B 131 -10.39 -15.44 6.46
C MET B 131 -9.82 -15.33 7.89
N GLY B 132 -9.05 -14.28 8.17
CA GLY B 132 -8.49 -14.05 9.50
C GLY B 132 -7.40 -15.00 9.97
N THR B 133 -6.76 -15.76 9.05
CA THR B 133 -5.63 -16.63 9.36
C THR B 133 -4.41 -15.82 9.74
N LEU B 134 -3.72 -16.23 10.82
CA LEU B 134 -2.52 -15.55 11.31
C LEU B 134 -1.26 -16.39 11.20
N GLY B 135 -1.43 -17.70 11.15
CA GLY B 135 -0.27 -18.56 11.07
C GLY B 135 -0.62 -19.96 10.61
N LEU B 136 0.42 -20.77 10.41
CA LEU B 136 0.25 -22.18 10.00
C LEU B 136 1.48 -22.97 10.43
N ALA B 137 1.31 -24.26 10.74
CA ALA B 137 2.40 -25.13 11.20
C ALA B 137 2.06 -26.59 10.99
N TYR B 138 3.08 -27.45 10.90
CA TYR B 138 2.86 -28.90 10.77
C TYR B 138 3.02 -29.58 12.12
N GLY B 139 2.40 -30.75 12.26
CA GLY B 139 2.57 -31.58 13.45
C GLY B 139 1.30 -31.98 14.17
N GLY B 140 0.21 -31.26 13.88
CA GLY B 140 -1.10 -31.49 14.46
C GLY B 140 -2.21 -31.40 13.42
N ARG B 143 -4.71 -34.87 12.27
CA ARG B 143 -4.77 -35.31 13.67
C ARG B 143 -3.51 -34.92 14.47
N ALA B 144 -3.57 -35.03 15.82
CA ALA B 144 -2.46 -34.76 16.73
C ALA B 144 -1.32 -35.76 16.48
N ASN B 145 -0.08 -35.35 16.78
CA ASN B 145 1.14 -36.16 16.64
C ASN B 145 1.32 -36.77 15.24
N SER B 146 0.93 -36.01 14.19
CA SER B 146 1.04 -36.45 12.79
C SER B 146 2.39 -36.02 12.17
N HIS B 147 2.49 -36.05 10.81
CA HIS B 147 3.68 -35.68 10.04
C HIS B 147 4.19 -34.30 10.39
N GLY B 148 5.50 -34.21 10.60
CA GLY B 148 6.13 -32.94 10.91
C GLY B 148 6.20 -32.57 12.37
N GLY B 149 6.44 -31.29 12.61
CA GLY B 149 6.61 -30.79 13.96
C GLY B 149 8.05 -30.94 14.40
N VAL B 150 8.31 -30.91 15.71
CA VAL B 150 9.66 -30.97 16.31
C VAL B 150 10.53 -32.12 15.75
N CYS B 151 11.83 -31.81 15.52
CA CYS B 151 12.89 -32.71 15.05
C CYS B 151 12.85 -32.98 13.55
N PRO B 152 13.96 -32.70 12.82
CA PRO B 152 13.95 -32.90 11.37
C PRO B 152 13.91 -34.38 10.98
N LYS B 153 13.02 -34.73 10.04
CA LYS B 153 12.80 -36.07 9.50
C LYS B 153 12.50 -35.83 8.03
N ALA B 154 13.39 -36.25 7.11
CA ALA B 154 13.20 -35.99 5.67
C ALA B 154 11.97 -36.66 5.07
N TYR B 155 11.30 -35.92 4.18
CA TYR B 155 10.14 -36.31 3.39
C TYR B 155 10.47 -35.92 1.97
N TYR B 156 10.52 -36.89 1.06
CA TYR B 156 10.84 -36.60 -0.33
C TYR B 156 9.70 -35.87 -1.01
N SER B 157 10.02 -34.70 -1.55
CA SER B 157 9.04 -33.90 -2.28
C SER B 157 9.20 -34.28 -3.75
N PRO B 158 8.27 -35.06 -4.36
CA PRO B 158 8.45 -35.44 -5.78
C PRO B 158 8.44 -34.25 -6.76
N VAL B 159 7.64 -33.22 -6.49
CA VAL B 159 7.61 -32.01 -7.34
C VAL B 159 8.86 -31.11 -7.12
N GLY B 160 9.38 -31.11 -5.89
CA GLY B 160 10.58 -30.38 -5.50
C GLY B 160 11.88 -31.06 -5.86
N LYS B 161 11.83 -32.39 -6.14
CA LYS B 161 12.99 -33.23 -6.53
C LYS B 161 14.10 -33.28 -5.48
N LYS B 162 13.72 -33.17 -4.19
CA LYS B 162 14.67 -33.23 -3.07
C LYS B 162 13.93 -33.52 -1.77
N ASN B 163 14.69 -33.86 -0.72
CA ASN B 163 14.12 -34.06 0.61
C ASN B 163 13.76 -32.70 1.19
N ILE B 164 12.60 -32.65 1.83
CA ILE B 164 12.13 -31.46 2.55
C ILE B 164 11.92 -31.87 3.98
N TYR B 165 11.69 -30.89 4.87
CA TYR B 165 11.43 -31.22 6.26
C TYR B 165 10.14 -30.50 6.65
N LEU B 166 9.41 -31.09 7.59
CA LEU B 166 8.12 -30.60 8.06
C LEU B 166 8.23 -30.05 9.50
N ASN B 167 9.45 -29.71 9.91
CA ASN B 167 9.73 -29.16 11.24
C ASN B 167 9.63 -27.62 11.12
N SER B 168 8.52 -27.14 10.55
CA SER B 168 8.31 -25.72 10.25
C SER B 168 6.94 -25.15 10.62
N GLY B 169 6.90 -23.82 10.65
CA GLY B 169 5.72 -23.04 10.96
C GLY B 169 5.94 -21.60 10.56
N LEU B 170 4.85 -20.83 10.53
CA LEU B 170 4.96 -19.41 10.18
C LEU B 170 4.04 -18.56 11.00
N THR B 171 4.42 -17.28 11.20
CA THR B 171 3.57 -16.32 11.92
C THR B 171 3.55 -15.05 11.08
N SER B 172 2.34 -14.49 10.86
CA SER B 172 2.17 -13.18 10.21
C SER B 172 1.66 -12.20 11.28
N THR B 173 2.24 -10.99 11.31
CA THR B 173 1.83 -9.94 12.26
C THR B 173 0.89 -8.88 11.61
N LYS B 174 0.28 -9.23 10.44
CA LYS B 174 -0.70 -8.40 9.73
C LYS B 174 -2.01 -9.16 9.63
N ASN B 175 -3.11 -8.47 9.97
CA ASN B 175 -4.46 -9.01 9.92
C ASN B 175 -5.44 -7.88 9.72
N TYR B 176 -6.40 -8.08 8.78
CA TYR B 176 -7.42 -7.11 8.37
C TYR B 176 -6.87 -5.68 8.12
N GLY B 177 -5.79 -5.62 7.36
CA GLY B 177 -5.12 -4.39 6.96
C GLY B 177 -4.39 -3.62 8.04
N LYS B 178 -4.09 -4.26 9.20
CA LYS B 178 -3.40 -3.60 10.30
C LYS B 178 -2.40 -4.53 11.03
N THR B 179 -1.39 -3.94 11.72
CA THR B 179 -0.43 -4.67 12.52
C THR B 179 -1.21 -5.19 13.74
N ILE B 180 -1.02 -6.49 14.09
CA ILE B 180 -1.70 -7.03 15.25
C ILE B 180 -0.92 -6.58 16.49
N LEU B 181 -1.57 -6.63 17.65
CA LEU B 181 -0.91 -6.27 18.90
C LEU B 181 0.18 -7.32 19.20
N THR B 182 1.27 -6.89 19.81
CA THR B 182 2.36 -7.81 20.17
C THR B 182 1.82 -8.97 21.03
N LYS B 183 0.87 -8.69 21.96
CA LYS B 183 0.29 -9.76 22.79
C LYS B 183 -0.42 -10.82 21.93
N GLU B 184 -1.02 -10.42 20.80
CA GLU B 184 -1.69 -11.34 19.86
C GLU B 184 -0.59 -12.11 19.08
N ALA B 185 0.49 -11.40 18.62
CA ALA B 185 1.61 -12.01 17.88
C ALA B 185 2.27 -13.12 18.72
N ASP B 186 2.48 -12.87 20.04
CA ASP B 186 3.05 -13.88 20.96
C ASP B 186 2.20 -15.15 20.93
N LEU B 187 0.89 -14.97 20.96
CA LEU B 187 -0.04 -16.10 20.98
C LEU B 187 -0.15 -16.86 19.67
N VAL B 188 0.05 -16.18 18.52
CA VAL B 188 0.04 -16.84 17.19
C VAL B 188 1.23 -17.80 17.17
N THR B 189 2.42 -17.29 17.53
CA THR B 189 3.63 -18.13 17.56
C THR B 189 3.49 -19.25 18.57
N THR B 190 2.91 -18.96 19.76
CA THR B 190 2.72 -20.00 20.79
C THR B 190 1.85 -21.17 20.20
N HIS B 191 0.74 -20.80 19.54
CA HIS B 191 -0.24 -21.71 18.90
C HIS B 191 0.43 -22.53 17.81
N GLU B 192 1.20 -21.86 16.91
CA GLU B 192 1.94 -22.53 15.83
C GLU B 192 2.98 -23.52 16.37
N LEU B 193 3.80 -23.10 17.35
CA LEU B 193 4.73 -24.01 18.04
C LEU B 193 3.95 -25.13 18.78
N GLY B 194 2.72 -24.82 19.24
CA GLY B 194 1.86 -25.81 19.89
C GLY B 194 1.59 -26.96 18.95
N HIS B 195 1.21 -26.63 17.69
CA HIS B 195 1.01 -27.62 16.63
C HIS B 195 2.32 -28.36 16.34
N ASN B 196 3.46 -27.64 16.29
CA ASN B 196 4.77 -28.29 16.08
C ASN B 196 5.10 -29.29 17.18
N PHE B 197 4.75 -28.95 18.42
CA PHE B 197 4.96 -29.82 19.59
C PHE B 197 3.93 -30.99 19.67
N GLY B 198 3.05 -31.11 18.66
CA GLY B 198 2.09 -32.20 18.55
C GLY B 198 0.64 -31.92 18.93
N ALA B 199 0.35 -30.72 19.47
CA ALA B 199 -1.03 -30.43 19.90
C ALA B 199 -1.98 -30.20 18.73
N GLU B 200 -3.24 -30.64 18.89
CA GLU B 200 -4.29 -30.36 17.92
C GLU B 200 -5.15 -29.26 18.58
N HIS B 201 -6.21 -28.83 17.93
CA HIS B 201 -7.08 -27.85 18.57
C HIS B 201 -7.82 -28.39 19.77
N ASP B 202 -8.14 -27.47 20.69
CA ASP B 202 -8.99 -27.74 21.83
C ASP B 202 -10.42 -27.82 21.27
N PRO B 203 -11.39 -28.44 22.00
CA PRO B 203 -12.78 -28.45 21.52
C PRO B 203 -13.36 -27.03 21.57
N ASP B 204 -14.30 -26.73 20.67
CA ASP B 204 -14.98 -25.42 20.64
C ASP B 204 -16.13 -25.44 21.67
N GLY B 205 -16.65 -24.26 22.04
CA GLY B 205 -17.75 -24.17 23.01
C GLY B 205 -17.26 -24.26 24.44
N LEU B 206 -17.96 -25.07 25.26
CA LEU B 206 -17.62 -25.27 26.65
C LEU B 206 -17.22 -26.73 26.86
N ALA B 207 -16.04 -26.94 27.47
CA ALA B 207 -15.49 -28.25 27.77
C ALA B 207 -14.42 -28.08 28.85
N GLU B 208 -13.87 -29.20 29.38
CA GLU B 208 -12.80 -29.15 30.37
C GLU B 208 -11.65 -28.35 29.74
N CYS B 209 -11.40 -28.58 28.43
CA CYS B 209 -10.34 -27.92 27.67
C CYS B 209 -10.72 -26.63 26.99
N ALA B 210 -11.93 -26.12 27.26
CA ALA B 210 -12.40 -24.85 26.70
C ALA B 210 -13.27 -24.15 27.76
N PRO B 211 -12.64 -23.63 28.85
CA PRO B 211 -13.42 -23.00 29.95
C PRO B 211 -14.17 -21.74 29.56
N ASN B 212 -15.19 -21.40 30.37
CA ASN B 212 -15.97 -20.17 30.20
C ASN B 212 -15.10 -18.97 30.68
N GLU B 213 -15.53 -17.73 30.35
CA GLU B 213 -14.85 -16.47 30.71
C GLU B 213 -14.61 -16.35 32.21
N ASP B 214 -15.58 -16.80 33.03
CA ASP B 214 -15.52 -16.80 34.48
C ASP B 214 -14.40 -17.70 35.02
N GLN B 215 -14.03 -18.75 34.28
CA GLN B 215 -12.95 -19.65 34.71
C GLN B 215 -11.59 -19.32 34.04
N GLY B 216 -11.51 -18.17 33.36
CA GLY B 216 -10.29 -17.70 32.72
C GLY B 216 -10.28 -17.67 31.20
N GLY B 217 -11.37 -18.14 30.58
CA GLY B 217 -11.47 -18.17 29.13
C GLY B 217 -10.77 -19.36 28.49
N LYS B 218 -10.57 -19.27 27.19
CA LYS B 218 -10.01 -20.35 26.37
C LYS B 218 -8.51 -20.45 26.47
N TYR B 219 -7.99 -21.64 26.18
CA TYR B 219 -6.55 -21.92 26.14
C TYR B 219 -5.96 -21.60 24.76
N VAL B 220 -4.62 -21.49 24.67
CA VAL B 220 -3.93 -21.09 23.43
C VAL B 220 -4.27 -21.92 22.18
N MET B 221 -4.56 -23.24 22.35
CA MET B 221 -4.90 -24.14 21.24
C MET B 221 -6.36 -24.10 20.82
N TYR B 222 -7.13 -23.11 21.33
CA TYR B 222 -8.52 -22.93 20.94
C TYR B 222 -8.55 -22.66 19.40
N PRO B 223 -9.52 -23.24 18.64
CA PRO B 223 -9.48 -23.11 17.18
C PRO B 223 -9.75 -21.70 16.62
N ILE B 224 -10.42 -20.83 17.39
CA ILE B 224 -10.65 -19.44 17.01
C ILE B 224 -9.55 -18.68 17.76
N ALA B 225 -8.73 -17.91 17.02
CA ALA B 225 -7.57 -17.21 17.59
C ALA B 225 -7.90 -16.41 18.83
N VAL B 226 -7.30 -16.81 19.97
CA VAL B 226 -7.46 -16.13 21.26
C VAL B 226 -6.81 -14.74 21.12
N SER B 227 -7.43 -13.71 21.68
CA SER B 227 -6.99 -12.32 21.58
C SER B 227 -5.85 -12.00 22.54
N GLY B 228 -5.80 -12.74 23.65
CA GLY B 228 -4.86 -12.50 24.74
C GLY B 228 -5.46 -11.66 25.85
N ASP B 229 -6.79 -11.34 25.76
CA ASP B 229 -7.53 -10.53 26.74
C ASP B 229 -7.89 -11.30 28.02
N HIS B 230 -7.85 -12.65 27.98
CA HIS B 230 -8.23 -13.52 29.09
C HIS B 230 -7.06 -14.33 29.58
N GLU B 231 -7.06 -14.65 30.87
CA GLU B 231 -6.00 -15.36 31.58
C GLU B 231 -5.53 -16.68 30.94
N ASN B 232 -6.49 -17.56 30.57
CA ASN B 232 -6.12 -18.87 30.01
C ASN B 232 -5.54 -18.81 28.60
N ASN B 233 -5.72 -17.68 27.90
CA ASN B 233 -5.24 -17.47 26.54
C ASN B 233 -3.74 -17.72 26.34
N LYS B 234 -2.93 -17.43 27.37
CA LYS B 234 -1.47 -17.60 27.38
C LYS B 234 -1.05 -18.94 28.03
N MET B 235 -1.98 -19.91 28.12
CA MET B 235 -1.70 -21.21 28.73
C MET B 235 -2.18 -22.38 27.87
N PHE B 236 -1.62 -23.58 28.13
CA PHE B 236 -2.06 -24.79 27.43
C PHE B 236 -3.14 -25.51 28.24
N SER B 237 -4.12 -26.08 27.55
CA SER B 237 -5.20 -26.86 28.17
C SER B 237 -4.63 -28.23 28.61
N GLN B 238 -5.45 -29.02 29.30
CA GLN B 238 -5.08 -30.40 29.68
C GLN B 238 -4.96 -31.25 28.44
N CYS B 239 -5.82 -31.01 27.44
CA CYS B 239 -5.83 -31.71 26.15
C CYS B 239 -4.51 -31.50 25.40
N SER B 240 -4.06 -30.23 25.31
CA SER B 240 -2.78 -29.86 24.69
C SER B 240 -1.62 -30.53 25.44
N LYS B 241 -1.66 -30.52 26.78
CA LYS B 241 -0.61 -31.11 27.64
C LYS B 241 -0.43 -32.59 27.37
N GLN B 242 -1.56 -33.35 27.31
CA GLN B 242 -1.53 -34.79 27.01
C GLN B 242 -0.86 -35.09 25.67
N SER B 243 -1.22 -34.36 24.59
CA SER B 243 -0.61 -34.53 23.26
C SER B 243 0.87 -34.17 23.24
N ILE B 244 1.23 -33.01 23.85
CA ILE B 244 2.63 -32.51 23.86
C ILE B 244 3.55 -33.38 24.76
N TYR B 245 3.03 -33.82 25.92
CA TYR B 245 3.74 -34.71 26.86
C TYR B 245 4.18 -35.98 26.13
N LYS B 246 3.31 -36.52 25.26
CA LYS B 246 3.59 -37.70 24.44
C LYS B 246 4.70 -37.40 23.41
N THR B 247 4.65 -36.21 22.77
CA THR B 247 5.67 -35.77 21.81
C THR B 247 7.01 -35.60 22.52
N ILE B 248 7.01 -34.91 23.67
CA ILE B 248 8.21 -34.66 24.46
C ILE B 248 8.87 -35.98 24.89
N GLU B 249 8.09 -36.90 25.47
CA GLU B 249 8.57 -38.21 25.90
C GLU B 249 9.20 -39.01 24.73
N SER B 250 8.61 -38.92 23.52
CA SER B 250 9.10 -39.64 22.34
C SER B 250 10.23 -38.97 21.54
N LYS B 251 10.29 -37.61 21.47
CA LYS B 251 11.35 -36.95 20.69
C LYS B 251 12.29 -35.93 21.38
N ALA B 252 12.28 -35.84 22.72
CA ALA B 252 13.24 -34.95 23.41
C ALA B 252 14.66 -35.55 23.28
N GLN B 253 14.76 -36.90 23.41
CA GLN B 253 16.02 -37.64 23.28
C GLN B 253 16.54 -37.56 21.83
N GLU B 254 15.63 -37.44 20.85
CA GLU B 254 15.95 -37.33 19.42
C GLU B 254 16.61 -36.00 18.99
N CYS B 255 16.06 -34.83 19.40
CA CYS B 255 16.62 -33.56 18.94
C CYS B 255 16.64 -32.40 19.95
N PHE B 256 16.04 -32.57 21.14
CA PHE B 256 16.08 -31.49 22.15
C PHE B 256 17.48 -31.43 22.73
N GLN B 257 17.92 -30.24 23.12
CA GLN B 257 19.26 -30.03 23.65
C GLN B 257 19.20 -29.31 24.99
N GLU B 258 20.38 -29.06 25.61
CA GLU B 258 20.46 -28.29 26.85
C GLU B 258 20.47 -26.82 26.41
N ARG B 259 20.17 -25.88 27.34
CA ARG B 259 20.16 -24.44 27.04
C ARG B 259 21.55 -23.92 26.67
ZN ZN C . -13.61 16.40 -16.36
N1 727 D . -16.08 20.57 -17.02
N2 727 D . -16.57 19.60 -16.14
C3 727 D . -15.30 21.52 -16.45
N4 727 D . -14.54 17.77 -17.37
C5 727 D . -15.59 18.08 -18.19
C6 727 D . -15.23 19.40 -18.94
N7 727 D . -13.84 19.62 -18.43
C8 727 D . -13.45 18.67 -17.55
O9 727 D . -12.32 18.57 -17.08
O10 727 D . -16.75 17.54 -18.26
C11 727 D . -15.16 19.26 -20.47
C12 727 D . -16.28 20.46 -18.45
C13 727 D . -15.26 21.15 -15.05
C14 727 D . -16.04 20.00 -14.93
C15 727 D . -16.27 19.35 -13.72
C16 727 D . -15.68 19.91 -12.64
C17 727 D . -14.87 21.09 -12.77
C18 727 D . -14.66 21.72 -13.98
O19 727 D . -14.78 22.48 -17.01
O20 727 D . -14.25 21.69 -11.76
C21 727 D . -14.46 21.07 -10.44
C22 727 D . -14.94 17.95 -21.08
C23 727 D . -14.93 17.86 -22.51
C24 727 D . -15.10 19.03 -23.31
C25 727 D . -15.31 20.29 -22.72
C26 727 D . -15.32 20.40 -21.31
C1 IPA E . 4.48 37.59 -25.41
C2 IPA E . 4.67 37.12 -23.95
C3 IPA E . 6.08 36.60 -23.67
O2 IPA E . 4.60 38.20 -23.13
ZN ZN F . -4.34 -24.14 14.83
N1 727 G . -5.86 -20.15 12.67
N2 727 G . -6.46 -20.69 13.87
C3 727 G . -4.82 -19.28 12.92
N4 727 G . -4.78 -23.23 13.15
C5 727 G . -5.84 -23.00 12.27
C6 727 G . -5.41 -22.03 11.16
N7 727 G . -3.99 -21.88 11.55
C8 727 G . -3.65 -22.60 12.70
O9 727 G . -2.55 -22.68 13.22
O10 727 G . -6.96 -23.44 12.41
C11 727 G . -5.50 -22.69 9.79
C12 727 G . -6.18 -20.65 11.33
C13 727 G . -4.72 -19.18 14.35
C14 727 G . -5.72 -20.04 14.88
C15 727 G . -5.93 -20.20 16.24
C16 727 G . -5.08 -19.44 17.09
C17 727 G . -4.07 -18.57 16.56
C18 727 G . -3.86 -18.43 15.16
O19 727 G . -4.18 -18.73 12.07
O20 727 G . -3.23 -17.79 17.35
C21 727 G . -3.41 -17.87 18.77
C22 727 G . -5.40 -24.12 9.65
C23 727 G . -5.49 -24.74 8.38
C24 727 G . -5.68 -23.93 7.23
C25 727 G . -5.77 -22.54 7.33
C26 727 G . -5.67 -21.92 8.61
#